data_3VW9
#
_entry.id   3VW9
#
_cell.length_a   85.990
_cell.length_b   66.980
_cell.length_c   68.530
_cell.angle_alpha   90.000
_cell.angle_beta   90.000
_cell.angle_gamma   90.000
#
_symmetry.space_group_name_H-M   'P 21 21 2'
#
loop_
_entity.id
_entity.type
_entity.pdbx_description
1 polymer 'Lactoylglutathione lyase'
2 non-polymer 'ZINC ION'
3 non-polymer '4-(2-HYDROXYETHYL)-1-PIPERAZINE ETHANESULFONIC ACID'
4 non-polymer 1-hydroxy-6-[1-(3-methoxypropyl)-1H-pyrrolo[2,3-b]pyridin-5-yl]-4-phenylpyridin-2(1H)-one
5 water water
#
_entity_poly.entity_id   1
_entity_poly.type   'polypeptide(L)'
_entity_poly.pdbx_seq_one_letter_code
;GSHMAEPQPPSGGLTDEAALSCCSDADPSTKDFLLQQTMLRVKDPKKSLDFYTRVLGMTLIQKCDFPIMKFSLYFLAYED
KNDIPKEKDEKIAWALSRKATLELTHNWGTEDDETQSYHNGNSDPRGFGHIGIAVPDVYSACKRFEELGVKFVKKPDDGK
MKGLAFIQDPDGYWIEILNPNKMATLM
;
_entity_poly.pdbx_strand_id   A,B
#
loop_
_chem_comp.id
_chem_comp.type
_chem_comp.name
_chem_comp.formula
EPE non-polymer '4-(2-HYDROXYETHYL)-1-PIPERAZINE ETHANESULFONIC ACID' 'C8 H18 N2 O4 S'
HPJ non-polymer 1-hydroxy-6-[1-(3-methoxypropyl)-1H-pyrrolo[2,3-b]pyridin-5-yl]-4-phenylpyridin-2(1H)-one 'C22 H21 N3 O3'
ZN non-polymer 'ZINC ION' 'Zn 2'
#
# COMPACT_ATOMS: atom_id res chain seq x y z
N GLY A 12 17.41 16.86 -12.65
CA GLY A 12 18.14 15.94 -11.78
C GLY A 12 17.71 14.49 -11.90
N GLY A 13 16.46 14.27 -12.26
CA GLY A 13 15.92 12.91 -12.40
C GLY A 13 15.88 12.42 -13.82
N LEU A 14 15.27 11.25 -14.05
CA LEU A 14 15.15 10.70 -15.39
C LEU A 14 14.21 11.54 -16.25
N THR A 15 14.45 11.55 -17.56
CA THR A 15 13.49 12.13 -18.48
C THR A 15 12.37 11.10 -18.64
N ASP A 16 11.25 11.53 -19.22
CA ASP A 16 10.13 10.62 -19.45
C ASP A 16 10.55 9.45 -20.36
N GLU A 17 11.33 9.75 -21.40
CA GLU A 17 11.79 8.77 -22.38
C GLU A 17 12.79 7.80 -21.77
N ALA A 18 13.69 8.29 -20.89
CA ALA A 18 14.67 7.44 -20.19
C ALA A 18 13.93 6.50 -19.23
N ALA A 19 12.88 7.01 -18.55
CA ALA A 19 12.09 6.17 -17.64
C ALA A 19 11.41 5.06 -18.45
N LEU A 20 10.78 5.40 -19.58
CA LEU A 20 10.13 4.39 -20.42
C LEU A 20 11.11 3.36 -21.00
N SER A 21 12.39 3.76 -21.21
CA SER A 21 13.44 2.86 -21.69
C SER A 21 13.72 1.73 -20.70
N CYS A 22 13.36 1.96 -19.41
CA CYS A 22 13.52 0.96 -18.36
C CYS A 22 12.27 0.11 -18.16
N CYS A 23 11.17 0.42 -18.88
CA CYS A 23 9.90 -0.29 -18.70
C CYS A 23 9.72 -1.34 -19.75
N SER A 24 9.36 -2.55 -19.33
CA SER A 24 9.04 -3.63 -20.24
C SER A 24 7.53 -3.84 -20.22
N ASP A 25 6.95 -4.25 -21.37
CA ASP A 25 5.54 -4.57 -21.42
C ASP A 25 5.28 -5.75 -20.47
N ALA A 26 4.10 -5.75 -19.86
CA ALA A 26 3.72 -6.78 -18.92
C ALA A 26 3.72 -8.16 -19.56
N ASP A 27 4.50 -9.09 -18.98
CA ASP A 27 4.55 -10.49 -19.43
C ASP A 27 3.15 -11.11 -19.26
N PRO A 28 2.63 -11.84 -20.27
CA PRO A 28 1.28 -12.42 -20.12
C PRO A 28 1.04 -13.37 -18.93
N SER A 29 2.10 -13.98 -18.37
CA SER A 29 1.95 -14.84 -17.18
C SER A 29 1.54 -14.04 -15.94
N THR A 30 1.72 -12.70 -16.00
CA THR A 30 1.34 -11.82 -14.88
C THR A 30 -0.03 -11.15 -15.10
N LYS A 31 -0.76 -11.46 -16.21
CA LYS A 31 -1.99 -10.74 -16.58
C LYS A 31 -3.14 -10.67 -15.55
N ASP A 32 -3.19 -11.62 -14.60
CA ASP A 32 -4.21 -11.64 -13.58
C ASP A 32 -3.68 -11.24 -12.21
N PHE A 33 -2.40 -10.80 -12.15
CA PHE A 33 -1.84 -10.35 -10.86
C PHE A 33 -2.55 -9.06 -10.45
N LEU A 34 -2.71 -8.90 -9.15
CA LEU A 34 -3.30 -7.69 -8.61
C LEU A 34 -2.57 -7.24 -7.36
N LEU A 35 -2.55 -5.91 -7.14
CA LEU A 35 -1.87 -5.36 -5.95
C LEU A 35 -2.92 -5.39 -4.87
N GLN A 36 -2.79 -6.42 -4.03
CA GLN A 36 -3.81 -6.82 -3.08
C GLN A 36 -3.79 -6.12 -1.74
N GLN A 37 -2.58 -5.93 -1.17
CA GLN A 37 -2.52 -5.40 0.17
C GLN A 37 -1.29 -4.57 0.42
N THR A 38 -1.39 -3.72 1.45
CA THR A 38 -0.30 -2.95 2.01
C THR A 38 -0.37 -3.27 3.48
N MET A 39 0.73 -3.78 4.06
CA MET A 39 0.75 -4.16 5.48
C MET A 39 1.43 -3.12 6.34
N LEU A 40 0.76 -2.73 7.44
CA LEU A 40 1.30 -1.81 8.43
C LEU A 40 1.16 -2.47 9.79
N ARG A 41 2.19 -2.37 10.65
CA ARG A 41 2.04 -2.89 12.02
C ARG A 41 1.41 -1.80 12.88
N VAL A 42 0.45 -2.18 13.74
CA VAL A 42 -0.29 -1.22 14.56
C VAL A 42 -0.13 -1.58 16.05
N LYS A 43 0.16 -0.56 16.87
CA LYS A 43 0.38 -0.75 18.31
C LYS A 43 -0.87 -1.24 19.05
N ASP A 44 -2.03 -0.64 18.73
CA ASP A 44 -3.29 -0.94 19.38
C ASP A 44 -4.36 -1.09 18.32
N PRO A 45 -4.81 -2.34 18.06
CA PRO A 45 -5.80 -2.55 17.01
C PRO A 45 -7.15 -1.91 17.31
N LYS A 46 -7.48 -1.69 18.61
CA LYS A 46 -8.79 -1.09 18.91
C LYS A 46 -8.83 0.34 18.38
N LYS A 47 -7.73 1.08 18.57
CA LYS A 47 -7.61 2.46 18.11
C LYS A 47 -7.53 2.51 16.58
N SER A 48 -6.78 1.58 15.96
CA SER A 48 -6.65 1.55 14.51
C SER A 48 -7.96 1.21 13.83
N LEU A 49 -8.69 0.19 14.35
CA LEU A 49 -9.98 -0.18 13.76
C LEU A 49 -10.95 0.99 13.83
N ASP A 50 -10.97 1.72 14.98
CA ASP A 50 -11.86 2.89 15.13
C ASP A 50 -11.51 3.95 14.09
N PHE A 51 -10.22 4.22 13.91
CA PHE A 51 -9.80 5.25 12.95
C PHE A 51 -10.15 4.86 11.53
N TYR A 52 -9.74 3.66 11.09
CA TYR A 52 -9.96 3.30 9.68
C TYR A 52 -11.41 3.15 9.29
N THR A 53 -12.27 2.69 10.24
CA THR A 53 -13.69 2.50 9.92
C THR A 53 -14.49 3.80 10.16
N ARG A 54 -14.40 4.36 11.36
CA ARG A 54 -15.20 5.55 11.68
C ARG A 54 -14.72 6.81 10.94
N VAL A 55 -13.41 7.09 10.97
CA VAL A 55 -12.89 8.30 10.36
C VAL A 55 -12.81 8.11 8.86
N LEU A 56 -12.18 7.02 8.38
CA LEU A 56 -11.97 6.85 6.94
C LEU A 56 -13.05 6.10 6.16
N GLY A 57 -13.98 5.45 6.85
CA GLY A 57 -15.07 4.77 6.16
C GLY A 57 -14.74 3.44 5.54
N MET A 58 -13.62 2.81 5.95
CA MET A 58 -13.28 1.48 5.47
C MET A 58 -14.11 0.44 6.22
N THR A 59 -14.14 -0.78 5.70
CA THR A 59 -14.86 -1.92 6.29
C THR A 59 -13.86 -2.99 6.68
N LEU A 60 -14.05 -3.58 7.87
CA LEU A 60 -13.23 -4.71 8.29
C LEU A 60 -13.80 -5.93 7.56
N ILE A 61 -13.05 -6.43 6.58
CA ILE A 61 -13.52 -7.55 5.74
C ILE A 61 -13.07 -8.94 6.18
N GLN A 62 -12.00 -9.01 7.00
CA GLN A 62 -11.44 -10.27 7.45
C GLN A 62 -10.53 -10.03 8.65
N LYS A 63 -10.63 -10.92 9.66
CA LYS A 63 -9.78 -10.91 10.84
C LYS A 63 -9.19 -12.33 10.94
N CYS A 64 -7.88 -12.42 11.05
CA CYS A 64 -7.15 -13.70 11.11
C CYS A 64 -6.28 -13.71 12.33
N ASP A 65 -6.33 -14.79 13.12
CA ASP A 65 -5.54 -14.87 14.34
C ASP A 65 -4.57 -16.01 14.24
N PHE A 66 -3.33 -15.77 14.69
CA PHE A 66 -2.25 -16.75 14.61
C PHE A 66 -1.66 -16.93 16.03
N PRO A 67 -2.25 -17.85 16.85
CA PRO A 67 -1.83 -17.96 18.27
C PRO A 67 -0.38 -18.37 18.58
N ILE A 68 0.23 -19.22 17.75
CA ILE A 68 1.63 -19.64 17.96
C ILE A 68 2.59 -18.47 17.60
N MET A 69 2.28 -17.71 16.51
CA MET A 69 3.06 -16.56 16.04
C MET A 69 2.74 -15.32 16.91
N LYS A 70 1.65 -15.38 17.72
CA LYS A 70 1.21 -14.32 18.62
C LYS A 70 0.91 -12.99 17.89
N PHE A 71 0.15 -13.11 16.79
CA PHE A 71 -0.34 -11.93 16.08
C PHE A 71 -1.70 -12.13 15.46
N SER A 72 -2.37 -10.99 15.15
CA SER A 72 -3.61 -11.01 14.42
C SER A 72 -3.44 -10.12 13.21
N LEU A 73 -4.17 -10.44 12.13
CA LEU A 73 -4.23 -9.63 10.92
C LEU A 73 -5.65 -9.08 10.75
N TYR A 74 -5.74 -7.80 10.44
CA TYR A 74 -7.03 -7.15 10.21
C TYR A 74 -7.01 -6.60 8.80
N PHE A 75 -7.93 -7.07 7.95
CA PHE A 75 -8.00 -6.61 6.56
C PHE A 75 -9.10 -5.60 6.42
N LEU A 76 -8.70 -4.37 6.05
CA LEU A 76 -9.62 -3.24 5.86
C LEU A 76 -9.68 -2.92 4.38
N ALA A 77 -10.88 -2.56 3.90
CA ALA A 77 -11.01 -2.25 2.47
C ALA A 77 -12.26 -1.41 2.27
N TYR A 78 -12.35 -0.73 1.10
CA TYR A 78 -13.55 0.02 0.77
C TYR A 78 -14.43 -0.97 0.00
N GLU A 79 -15.19 -1.77 0.76
CA GLU A 79 -16.06 -2.82 0.23
C GLU A 79 -17.35 -2.75 1.01
N ASP A 80 -18.42 -3.24 0.39
CA ASP A 80 -19.74 -3.33 1.02
C ASP A 80 -19.74 -4.59 1.89
N LYS A 81 -20.01 -4.44 3.20
CA LYS A 81 -20.06 -5.58 4.14
C LYS A 81 -21.06 -6.67 3.73
N ASN A 82 -22.08 -6.32 2.93
CA ASN A 82 -23.09 -7.24 2.40
C ASN A 82 -22.52 -8.13 1.28
N ASP A 83 -21.30 -7.82 0.78
CA ASP A 83 -20.62 -8.61 -0.25
C ASP A 83 -19.71 -9.67 0.36
N ILE A 84 -19.54 -9.64 1.69
CA ILE A 84 -18.73 -10.59 2.46
C ILE A 84 -19.45 -11.96 2.46
N PRO A 85 -18.83 -13.03 1.90
CA PRO A 85 -19.50 -14.35 1.88
C PRO A 85 -19.77 -14.92 3.28
N LYS A 86 -20.78 -15.82 3.36
CA LYS A 86 -21.17 -16.49 4.61
C LYS A 86 -20.17 -17.58 5.01
N GLU A 87 -19.86 -18.52 4.08
CA GLU A 87 -18.93 -19.63 4.32
C GLU A 87 -17.51 -19.13 4.61
N LYS A 88 -16.88 -19.66 5.68
CA LYS A 88 -15.53 -19.27 6.15
C LYS A 88 -14.42 -19.44 5.11
N ASP A 89 -14.49 -20.49 4.26
CA ASP A 89 -13.48 -20.73 3.22
C ASP A 89 -13.65 -19.78 2.05
N GLU A 90 -14.92 -19.55 1.64
CA GLU A 90 -15.24 -18.61 0.57
C GLU A 90 -14.93 -17.17 1.01
N LYS A 91 -15.06 -16.88 2.32
CA LYS A 91 -14.79 -15.55 2.90
C LYS A 91 -13.31 -15.16 2.76
N ILE A 92 -12.39 -16.08 3.10
CA ILE A 92 -10.95 -15.83 2.97
C ILE A 92 -10.56 -15.62 1.51
N ALA A 93 -11.06 -16.48 0.60
CA ALA A 93 -10.79 -16.40 -0.84
C ALA A 93 -11.32 -15.09 -1.45
N TRP A 94 -12.45 -14.58 -0.91
CA TRP A 94 -13.01 -13.33 -1.39
C TRP A 94 -12.20 -12.15 -0.81
N ALA A 95 -12.00 -12.11 0.52
CA ALA A 95 -11.28 -10.99 1.14
C ALA A 95 -9.87 -10.82 0.57
N LEU A 96 -9.17 -11.94 0.36
CA LEU A 96 -7.79 -11.88 -0.12
C LEU A 96 -7.65 -11.73 -1.64
N SER A 97 -8.79 -11.65 -2.36
CA SER A 97 -8.77 -11.39 -3.79
C SER A 97 -9.29 -9.96 -4.06
N ARG A 98 -9.53 -9.17 -2.98
CA ARG A 98 -9.92 -7.77 -3.18
C ARG A 98 -8.68 -6.93 -3.46
N LYS A 99 -8.77 -6.02 -4.44
CA LYS A 99 -7.67 -5.09 -4.69
C LYS A 99 -7.66 -4.07 -3.58
N ALA A 100 -6.50 -3.42 -3.34
CA ALA A 100 -6.42 -2.26 -2.48
C ALA A 100 -6.91 -2.45 -1.06
N THR A 101 -6.39 -3.48 -0.40
CA THR A 101 -6.71 -3.67 1.00
C THR A 101 -5.57 -3.18 1.87
N LEU A 102 -5.91 -2.85 3.11
CA LEU A 102 -4.94 -2.45 4.09
C LEU A 102 -4.92 -3.56 5.12
N GLU A 103 -3.75 -4.17 5.33
CA GLU A 103 -3.58 -5.25 6.28
C GLU A 103 -2.90 -4.65 7.51
N LEU A 104 -3.57 -4.68 8.67
CA LEU A 104 -3.00 -4.16 9.90
C LEU A 104 -2.57 -5.34 10.75
N THR A 105 -1.28 -5.37 11.11
CA THR A 105 -0.73 -6.46 11.95
C THR A 105 -0.62 -6.03 13.41
N HIS A 106 -1.30 -6.78 14.30
CA HIS A 106 -1.22 -6.54 15.74
C HIS A 106 -0.34 -7.64 16.36
N ASN A 107 0.88 -7.30 16.77
CA ASN A 107 1.73 -8.23 17.50
C ASN A 107 1.25 -8.15 18.95
N TRP A 108 0.76 -9.25 19.48
CA TRP A 108 0.15 -9.27 20.81
C TRP A 108 1.03 -8.65 21.90
N GLY A 109 0.40 -7.80 22.72
CA GLY A 109 1.08 -7.14 23.82
C GLY A 109 1.63 -5.75 23.60
N THR A 110 1.76 -5.28 22.32
CA THR A 110 2.31 -3.96 22.08
C THR A 110 1.51 -2.83 22.74
N GLU A 111 0.18 -2.98 22.79
CA GLU A 111 -0.70 -1.94 23.36
C GLU A 111 -0.42 -1.62 24.84
N ASP A 112 0.18 -2.59 25.56
CA ASP A 112 0.50 -2.49 26.99
C ASP A 112 1.99 -2.19 27.28
N ASP A 113 2.79 -1.95 26.24
CA ASP A 113 4.23 -1.68 26.37
C ASP A 113 4.57 -0.20 26.09
N GLU A 114 4.87 0.57 27.16
CA GLU A 114 5.17 2.01 27.10
C GLU A 114 6.41 2.36 26.29
N THR A 115 7.39 1.44 26.22
CA THR A 115 8.65 1.66 25.49
C THR A 115 8.48 1.36 24.00
N GLN A 116 7.35 0.72 23.60
CA GLN A 116 7.13 0.30 22.22
C GLN A 116 6.37 1.34 21.39
N SER A 117 6.83 1.50 20.15
CA SER A 117 6.13 2.29 19.14
C SER A 117 6.68 1.92 17.77
N TYR A 118 5.82 1.96 16.74
CA TYR A 118 6.26 1.70 15.39
C TYR A 118 6.78 3.00 14.74
N HIS A 119 7.56 2.84 13.66
CA HIS A 119 8.18 3.96 12.93
C HIS A 119 7.40 4.16 11.62
N ASN A 120 7.08 5.43 11.30
CA ASN A 120 6.25 5.71 10.13
C ASN A 120 6.99 5.85 8.78
N GLY A 121 8.33 5.75 8.79
CA GLY A 121 9.15 5.78 7.57
C GLY A 121 9.44 7.16 7.02
N ASN A 122 8.94 8.23 7.69
CA ASN A 122 9.08 9.59 7.19
C ASN A 122 10.18 10.43 7.85
N SER A 123 10.92 9.81 8.73
CA SER A 123 12.13 10.37 9.33
C SER A 123 13.15 9.24 9.30
N ASP A 124 14.43 9.57 9.44
CA ASP A 124 15.42 8.51 9.39
C ASP A 124 15.18 7.40 10.39
N PRO A 125 15.27 6.11 9.97
CA PRO A 125 15.57 5.62 8.61
C PRO A 125 14.29 5.64 7.76
N ARG A 126 14.36 6.29 6.59
CA ARG A 126 13.20 6.46 5.72
C ARG A 126 13.02 5.28 4.79
N GLY A 127 11.80 5.09 4.33
CA GLY A 127 11.50 4.05 3.35
C GLY A 127 10.07 4.24 2.88
N PHE A 128 9.15 3.48 3.49
CA PHE A 128 7.73 3.66 3.27
C PHE A 128 7.36 5.12 3.56
N GLY A 129 6.43 5.68 2.78
CA GLY A 129 6.00 7.05 3.06
C GLY A 129 4.56 7.18 3.51
N HIS A 130 3.60 6.69 2.72
CA HIS A 130 2.19 6.88 3.06
C HIS A 130 1.29 6.00 2.24
N ILE A 131 0.01 5.90 2.66
CA ILE A 131 -1.04 5.37 1.80
C ILE A 131 -1.80 6.65 1.41
N GLY A 132 -2.59 6.57 0.35
CA GLY A 132 -3.33 7.74 -0.11
C GLY A 132 -4.74 7.37 -0.47
N ILE A 133 -5.71 8.25 -0.03
CA ILE A 133 -7.14 8.05 -0.28
C ILE A 133 -7.62 9.09 -1.27
N ALA A 134 -8.25 8.65 -2.34
CA ALA A 134 -8.86 9.58 -3.31
C ALA A 134 -10.28 9.86 -2.84
N VAL A 135 -10.63 11.13 -2.78
CA VAL A 135 -11.91 11.62 -2.25
C VAL A 135 -12.55 12.58 -3.27
N PRO A 136 -13.89 12.80 -3.19
CA PRO A 136 -14.51 13.76 -4.11
C PRO A 136 -14.16 15.21 -3.78
N ASP A 137 -13.87 15.51 -2.50
CA ASP A 137 -13.66 16.88 -2.07
C ASP A 137 -12.71 16.92 -0.88
N VAL A 138 -11.48 17.34 -1.15
CA VAL A 138 -10.42 17.38 -0.13
C VAL A 138 -10.78 18.33 1.01
N TYR A 139 -11.33 19.50 0.66
CA TYR A 139 -11.66 20.50 1.67
C TYR A 139 -12.77 20.06 2.63
N SER A 140 -13.89 19.49 2.11
CA SER A 140 -14.96 19.04 3.00
C SER A 140 -14.50 17.83 3.82
N ALA A 141 -13.71 16.93 3.20
CA ALA A 141 -13.23 15.77 3.96
C ALA A 141 -12.38 16.23 5.13
N CYS A 142 -11.49 17.19 4.89
CA CYS A 142 -10.58 17.73 5.89
C CYS A 142 -11.28 18.53 6.96
N LYS A 143 -12.36 19.26 6.61
CA LYS A 143 -13.16 19.99 7.61
C LYS A 143 -13.75 18.94 8.59
N ARG A 144 -14.26 17.80 8.07
CA ARG A 144 -14.80 16.73 8.92
C ARG A 144 -13.65 16.14 9.77
N PHE A 145 -12.43 15.92 9.17
CA PHE A 145 -11.32 15.40 9.96
C PHE A 145 -10.95 16.33 11.13
N GLU A 146 -10.93 17.66 10.90
CA GLU A 146 -10.66 18.67 11.94
C GLU A 146 -11.70 18.53 13.07
N GLU A 147 -13.00 18.41 12.70
CA GLU A 147 -14.13 18.25 13.64
C GLU A 147 -13.97 16.99 14.51
N LEU A 148 -13.41 15.93 13.91
CA LEU A 148 -13.19 14.65 14.59
C LEU A 148 -11.86 14.59 15.41
N GLY A 149 -11.09 15.69 15.42
CA GLY A 149 -9.82 15.80 16.15
C GLY A 149 -8.66 15.04 15.50
N VAL A 150 -8.77 14.74 14.19
CA VAL A 150 -7.68 14.06 13.48
C VAL A 150 -6.41 14.95 13.47
N LYS A 151 -5.25 14.30 13.66
CA LYS A 151 -3.97 14.98 13.62
C LYS A 151 -3.55 15.14 12.15
N PHE A 152 -3.19 16.37 11.76
CA PHE A 152 -2.71 16.71 10.42
C PHE A 152 -1.20 16.80 10.31
N VAL A 153 -0.67 16.39 9.17
CA VAL A 153 0.71 16.55 8.80
C VAL A 153 0.75 17.77 7.88
N LYS A 154 -0.22 17.88 6.97
CA LYS A 154 -0.34 19.02 6.08
C LYS A 154 -1.80 19.31 5.83
N LYS A 155 -2.29 20.50 6.23
CA LYS A 155 -3.67 20.89 5.96
C LYS A 155 -3.78 21.24 4.45
N PRO A 156 -4.98 21.13 3.85
CA PRO A 156 -5.09 21.38 2.40
C PRO A 156 -4.55 22.71 1.90
N ASP A 157 -4.74 23.80 2.67
CA ASP A 157 -4.26 25.14 2.27
C ASP A 157 -2.87 25.54 2.80
N ASP A 158 -2.17 24.62 3.50
CA ASP A 158 -0.82 24.87 4.00
C ASP A 158 0.22 24.34 2.99
N GLY A 159 1.26 25.12 2.73
CA GLY A 159 2.28 24.77 1.73
C GLY A 159 1.88 25.27 0.35
N LYS A 160 2.71 25.00 -0.68
CA LYS A 160 2.45 25.46 -2.05
C LYS A 160 1.43 24.59 -2.80
N MET A 161 1.45 23.26 -2.54
CA MET A 161 0.58 22.23 -3.12
C MET A 161 -0.81 22.34 -2.44
N LYS A 162 -1.57 23.41 -2.77
CA LYS A 162 -2.91 23.64 -2.20
C LYS A 162 -3.90 22.65 -2.75
N GLY A 163 -4.80 22.15 -1.90
CA GLY A 163 -5.86 21.22 -2.31
C GLY A 163 -5.52 19.75 -2.13
N LEU A 164 -4.39 19.48 -1.51
CA LEU A 164 -3.92 18.15 -1.18
C LEU A 164 -3.54 18.16 0.31
N ALA A 165 -3.90 17.11 1.05
CA ALA A 165 -3.60 17.08 2.48
C ALA A 165 -2.91 15.79 2.89
N PHE A 166 -2.34 15.80 4.10
CA PHE A 166 -1.79 14.62 4.76
C PHE A 166 -2.29 14.59 6.18
N ILE A 167 -2.86 13.46 6.59
CA ILE A 167 -3.26 13.29 7.99
C ILE A 167 -2.45 12.10 8.52
N GLN A 168 -2.63 11.78 9.80
CA GLN A 168 -1.92 10.60 10.35
C GLN A 168 -2.85 9.72 11.13
N ASP A 169 -2.57 8.42 11.13
CA ASP A 169 -3.39 7.46 11.85
C ASP A 169 -2.91 7.37 13.34
N PRO A 170 -3.50 6.49 14.17
CA PRO A 170 -3.06 6.43 15.58
C PRO A 170 -1.59 6.08 15.81
N ASP A 171 -0.97 5.32 14.89
CA ASP A 171 0.47 4.99 14.98
C ASP A 171 1.36 6.07 14.37
N GLY A 172 0.76 7.08 13.78
CA GLY A 172 1.54 8.12 13.15
C GLY A 172 1.81 7.88 11.66
N TYR A 173 1.23 6.80 11.07
CA TYR A 173 1.45 6.61 9.62
C TYR A 173 0.74 7.75 8.88
N TRP A 174 1.39 8.24 7.82
CA TRP A 174 0.85 9.30 6.98
C TRP A 174 -0.17 8.77 5.98
N ILE A 175 -1.21 9.56 5.75
CA ILE A 175 -2.28 9.24 4.82
C ILE A 175 -2.54 10.49 4.01
N GLU A 176 -2.28 10.39 2.69
CA GLU A 176 -2.54 11.46 1.77
C GLU A 176 -4.05 11.50 1.41
N ILE A 177 -4.60 12.73 1.28
CA ILE A 177 -6.00 12.94 0.94
C ILE A 177 -5.98 13.75 -0.33
N LEU A 178 -6.46 13.17 -1.44
CA LEU A 178 -6.33 13.80 -2.77
C LEU A 178 -7.61 13.72 -3.57
N ASN A 179 -7.81 14.70 -4.46
CA ASN A 179 -8.94 14.69 -5.38
C ASN A 179 -8.29 14.57 -6.77
N PRO A 180 -8.37 13.38 -7.39
CA PRO A 180 -7.75 13.18 -8.73
C PRO A 180 -8.14 14.19 -9.81
N ASN A 181 -9.37 14.73 -9.73
CA ASN A 181 -9.85 15.70 -10.72
C ASN A 181 -9.29 17.10 -10.56
N LYS A 182 -8.57 17.36 -9.45
CA LYS A 182 -7.97 18.67 -9.19
C LYS A 182 -6.46 18.60 -9.00
N MET A 183 -5.81 17.53 -9.47
CA MET A 183 -4.36 17.35 -9.32
C MET A 183 -3.56 17.97 -10.44
N ALA A 184 -4.06 17.88 -11.70
CA ALA A 184 -3.31 18.38 -12.85
C ALA A 184 -2.97 19.86 -12.80
N THR A 185 -3.80 20.67 -12.12
CA THR A 185 -3.55 22.11 -12.03
C THR A 185 -2.39 22.46 -11.08
N LEU A 186 -1.90 21.45 -10.33
CA LEU A 186 -0.78 21.62 -9.40
C LEU A 186 0.59 21.59 -10.11
N MET A 187 0.61 21.12 -11.38
CA MET A 187 1.82 21.03 -12.21
C MET A 187 2.16 22.38 -12.86
N GLY B 12 -3.07 -11.34 24.99
CA GLY B 12 -3.62 -12.06 23.84
C GLY B 12 -4.22 -11.14 22.79
N GLY B 13 -4.84 -11.73 21.79
CA GLY B 13 -5.46 -10.95 20.74
C GLY B 13 -6.89 -10.60 21.07
N LEU B 14 -7.53 -9.84 20.20
CA LEU B 14 -8.95 -9.50 20.40
C LEU B 14 -9.81 -10.64 19.94
N THR B 15 -11.00 -10.80 20.57
CA THR B 15 -11.98 -11.74 20.05
C THR B 15 -12.60 -11.08 18.80
N ASP B 16 -13.31 -11.88 17.99
CA ASP B 16 -13.98 -11.35 16.81
C ASP B 16 -15.00 -10.29 17.23
N GLU B 17 -15.78 -10.57 18.31
CA GLU B 17 -16.79 -9.63 18.83
C GLU B 17 -16.15 -8.35 19.34
N ALA B 18 -15.03 -8.45 20.09
CA ALA B 18 -14.33 -7.26 20.60
C ALA B 18 -13.81 -6.38 19.44
N ALA B 19 -13.31 -7.01 18.35
CA ALA B 19 -12.82 -6.27 17.18
C ALA B 19 -14.00 -5.55 16.53
N LEU B 20 -15.12 -6.26 16.31
CA LEU B 20 -16.31 -5.66 15.70
C LEU B 20 -16.82 -4.47 16.50
N SER B 21 -16.78 -4.53 17.85
CA SER B 21 -17.23 -3.41 18.70
C SER B 21 -16.40 -2.14 18.54
N CYS B 22 -15.19 -2.27 17.97
CA CYS B 22 -14.33 -1.13 17.74
C CYS B 22 -14.61 -0.51 16.41
N CYS B 23 -15.39 -1.18 15.55
CA CYS B 23 -15.69 -0.73 14.18
C CYS B 23 -16.95 0.08 14.13
N SER B 24 -16.99 1.01 13.17
CA SER B 24 -18.19 1.80 12.92
C SER B 24 -18.57 1.68 11.48
N ASP B 25 -19.87 1.84 11.20
CA ASP B 25 -20.34 1.87 9.82
C ASP B 25 -19.82 3.16 9.19
N ALA B 26 -19.70 3.15 7.88
CA ALA B 26 -19.14 4.26 7.13
C ALA B 26 -20.08 5.47 7.12
N ASP B 27 -19.53 6.65 7.48
CA ASP B 27 -20.27 7.90 7.39
C ASP B 27 -20.61 8.10 5.89
N PRO B 28 -21.80 8.61 5.53
CA PRO B 28 -22.13 8.74 4.09
C PRO B 28 -21.19 9.66 3.29
N SER B 29 -20.51 10.58 3.99
CA SER B 29 -19.57 11.48 3.30
C SER B 29 -18.30 10.76 2.82
N THR B 30 -18.10 9.51 3.24
CA THR B 30 -16.92 8.75 2.82
C THR B 30 -17.27 7.68 1.80
N LYS B 31 -18.56 7.57 1.37
CA LYS B 31 -19.03 6.49 0.52
C LYS B 31 -18.30 6.24 -0.81
N ASP B 32 -17.62 7.28 -1.36
CA ASP B 32 -16.91 7.20 -2.62
C ASP B 32 -15.39 7.23 -2.46
N PHE B 33 -14.89 7.18 -1.21
CA PHE B 33 -13.46 7.15 -0.96
C PHE B 33 -12.88 5.84 -1.50
N LEU B 34 -11.64 5.90 -1.95
CA LEU B 34 -10.96 4.71 -2.45
C LEU B 34 -9.51 4.72 -2.00
N LEU B 35 -8.95 3.51 -1.79
CA LEU B 35 -7.53 3.39 -1.39
C LEU B 35 -6.73 3.40 -2.69
N GLN B 36 -6.16 4.57 -2.99
CA GLN B 36 -5.57 4.87 -4.29
C GLN B 36 -4.13 4.48 -4.45
N GLN B 37 -3.32 4.70 -3.41
CA GLN B 37 -1.88 4.51 -3.58
C GLN B 37 -1.20 4.06 -2.31
N THR B 38 -0.02 3.45 -2.49
CA THR B 38 0.93 3.13 -1.43
C THR B 38 2.24 3.71 -1.94
N MET B 39 2.88 4.59 -1.15
CA MET B 39 4.15 5.20 -1.57
C MET B 39 5.36 4.58 -0.90
N LEU B 40 6.36 4.26 -1.72
CA LEU B 40 7.69 3.75 -1.28
C LEU B 40 8.76 4.64 -1.87
N ARG B 41 9.79 4.99 -1.07
CA ARG B 41 10.92 5.72 -1.64
C ARG B 41 11.88 4.71 -2.28
N VAL B 42 12.41 5.05 -3.47
CA VAL B 42 13.32 4.17 -4.21
C VAL B 42 14.64 4.89 -4.48
N LYS B 43 15.73 4.17 -4.25
CA LYS B 43 17.08 4.77 -4.43
C LYS B 43 17.39 5.06 -5.90
N ASP B 44 17.03 4.10 -6.80
CA ASP B 44 17.37 4.18 -8.21
C ASP B 44 16.16 3.85 -9.02
N PRO B 45 15.56 4.84 -9.71
CA PRO B 45 14.34 4.55 -10.49
C PRO B 45 14.58 3.61 -11.66
N LYS B 46 15.81 3.57 -12.24
CA LYS B 46 16.02 2.67 -13.37
C LYS B 46 15.83 1.21 -12.95
N LYS B 47 16.41 0.86 -11.78
CA LYS B 47 16.30 -0.50 -11.25
C LYS B 47 14.86 -0.81 -10.82
N SER B 48 14.21 0.14 -10.15
CA SER B 48 12.85 -0.09 -9.65
C SER B 48 11.87 -0.23 -10.80
N LEU B 49 11.96 0.64 -11.81
CA LEU B 49 11.04 0.52 -12.95
C LEU B 49 11.20 -0.83 -13.68
N ASP B 50 12.44 -1.28 -13.85
CA ASP B 50 12.69 -2.58 -14.49
C ASP B 50 12.06 -3.68 -13.66
N PHE B 51 12.23 -3.64 -12.33
CA PHE B 51 11.67 -4.68 -11.50
C PHE B 51 10.13 -4.70 -11.57
N TYR B 52 9.49 -3.57 -11.29
CA TYR B 52 8.04 -3.55 -11.25
C TYR B 52 7.35 -3.82 -12.56
N THR B 53 7.99 -3.46 -13.69
CA THR B 53 7.35 -3.70 -14.99
C THR B 53 7.74 -5.08 -15.55
N ARG B 54 9.05 -5.36 -15.69
CA ARG B 54 9.48 -6.63 -16.29
C ARG B 54 9.24 -7.82 -15.38
N VAL B 55 9.60 -7.71 -14.09
CA VAL B 55 9.44 -8.86 -13.19
C VAL B 55 7.98 -9.01 -12.73
N LEU B 56 7.40 -7.92 -12.17
CA LEU B 56 6.04 -7.99 -11.63
C LEU B 56 4.89 -7.75 -12.60
N GLY B 57 5.17 -7.22 -13.79
CA GLY B 57 4.09 -7.03 -14.75
C GLY B 57 3.20 -5.82 -14.54
N MET B 58 3.65 -4.86 -13.74
CA MET B 58 2.90 -3.62 -13.54
C MET B 58 3.21 -2.70 -14.73
N THR B 59 2.39 -1.65 -14.90
CA THR B 59 2.50 -0.67 -15.97
C THR B 59 2.80 0.71 -15.36
N LEU B 60 3.74 1.45 -15.97
CA LEU B 60 4.02 2.82 -15.55
C LEU B 60 2.88 3.65 -16.17
N ILE B 61 1.95 4.13 -15.32
CA ILE B 61 0.80 4.88 -15.82
C ILE B 61 0.95 6.41 -15.75
N GLN B 62 1.93 6.94 -14.99
CA GLN B 62 2.15 8.37 -14.81
C GLN B 62 3.49 8.61 -14.16
N LYS B 63 4.17 9.63 -14.64
CA LYS B 63 5.45 10.10 -14.13
C LYS B 63 5.30 11.60 -13.93
N CYS B 64 5.63 12.07 -12.73
CA CYS B 64 5.54 13.51 -12.40
C CYS B 64 6.85 13.97 -11.84
N ASP B 65 7.34 15.11 -12.33
CA ASP B 65 8.60 15.65 -11.87
C ASP B 65 8.35 16.97 -11.17
N PHE B 66 9.02 17.18 -10.04
CA PHE B 66 8.86 18.37 -9.21
C PHE B 66 10.23 19.04 -9.05
N PRO B 67 10.60 19.95 -9.98
CA PRO B 67 11.93 20.58 -9.94
C PRO B 67 12.32 21.32 -8.65
N ILE B 68 11.36 21.95 -7.94
CA ILE B 68 11.68 22.66 -6.69
C ILE B 68 11.68 21.75 -5.46
N MET B 69 10.89 20.65 -5.50
CA MET B 69 10.85 19.65 -4.43
C MET B 69 12.05 18.68 -4.60
N LYS B 70 12.65 18.66 -5.81
CA LYS B 70 13.81 17.84 -6.19
C LYS B 70 13.48 16.33 -6.16
N PHE B 71 12.31 15.98 -6.71
CA PHE B 71 11.92 14.57 -6.78
C PHE B 71 11.04 14.25 -7.96
N SER B 72 10.98 12.95 -8.28
CA SER B 72 10.07 12.44 -9.29
C SER B 72 9.15 11.44 -8.63
N LEU B 73 7.91 11.38 -9.11
CA LEU B 73 6.94 10.38 -8.66
C LEU B 73 6.60 9.47 -9.83
N TYR B 74 6.66 8.16 -9.60
CA TYR B 74 6.33 7.17 -10.63
C TYR B 74 5.13 6.37 -10.12
N PHE B 75 4.03 6.35 -10.89
CA PHE B 75 2.84 5.60 -10.50
C PHE B 75 2.77 4.34 -11.34
N LEU B 76 2.81 3.20 -10.64
CA LEU B 76 2.78 1.87 -11.25
C LEU B 76 1.46 1.20 -10.87
N ALA B 77 0.84 0.47 -11.81
CA ALA B 77 -0.42 -0.19 -11.50
C ALA B 77 -0.63 -1.35 -12.44
N TYR B 78 -1.50 -2.28 -12.05
CA TYR B 78 -1.92 -3.36 -12.92
C TYR B 78 -3.08 -2.81 -13.77
N GLU B 79 -2.70 -2.17 -14.86
CA GLU B 79 -3.62 -1.54 -15.81
C GLU B 79 -3.11 -1.83 -17.20
N ASP B 80 -4.03 -1.84 -18.17
CA ASP B 80 -3.71 -2.03 -19.57
C ASP B 80 -3.13 -0.71 -20.07
N LYS B 81 -1.90 -0.73 -20.62
CA LYS B 81 -1.22 0.47 -21.13
C LYS B 81 -2.06 1.19 -22.20
N ASN B 82 -2.98 0.47 -22.87
CA ASN B 82 -3.87 1.03 -23.88
C ASN B 82 -4.99 1.90 -23.28
N ASP B 83 -5.22 1.77 -21.96
CA ASP B 83 -6.22 2.58 -21.25
C ASP B 83 -5.63 3.92 -20.78
N ILE B 84 -4.30 4.11 -20.89
CA ILE B 84 -3.66 5.35 -20.51
C ILE B 84 -4.13 6.46 -21.48
N PRO B 85 -4.75 7.56 -20.98
CA PRO B 85 -5.15 8.63 -21.91
C PRO B 85 -3.97 9.32 -22.58
N LYS B 86 -4.19 9.88 -23.78
CA LYS B 86 -3.13 10.57 -24.53
C LYS B 86 -2.77 11.97 -23.99
N GLU B 87 -3.79 12.79 -23.62
CA GLU B 87 -3.59 14.17 -23.14
C GLU B 87 -3.12 14.20 -21.67
N LYS B 88 -2.17 15.12 -21.34
CA LYS B 88 -1.54 15.29 -20.02
C LYS B 88 -2.44 15.46 -18.79
N ASP B 89 -3.40 16.40 -18.84
CA ASP B 89 -4.31 16.60 -17.70
C ASP B 89 -5.28 15.41 -17.51
N GLU B 90 -5.75 14.82 -18.65
CA GLU B 90 -6.63 13.66 -18.61
C GLU B 90 -5.85 12.45 -18.05
N LYS B 91 -4.57 12.37 -18.42
CA LYS B 91 -3.68 11.30 -17.99
C LYS B 91 -3.54 11.33 -16.44
N ILE B 92 -3.26 12.51 -15.85
CA ILE B 92 -3.10 12.66 -14.40
C ILE B 92 -4.37 12.27 -13.67
N ALA B 93 -5.54 12.81 -14.11
CA ALA B 93 -6.81 12.49 -13.44
C ALA B 93 -7.16 11.01 -13.52
N TRP B 94 -6.80 10.35 -14.60
CA TRP B 94 -7.08 8.94 -14.76
C TRP B 94 -6.13 8.12 -13.88
N ALA B 95 -4.80 8.42 -13.94
CA ALA B 95 -3.83 7.63 -13.17
C ALA B 95 -4.08 7.77 -11.66
N LEU B 96 -4.39 9.00 -11.21
CA LEU B 96 -4.59 9.28 -9.79
C LEU B 96 -5.97 8.86 -9.26
N SER B 97 -6.84 8.32 -10.15
CA SER B 97 -8.13 7.77 -9.74
C SER B 97 -8.13 6.24 -9.88
N ARG B 98 -6.98 5.62 -10.25
CA ARG B 98 -6.95 4.15 -10.29
C ARG B 98 -6.79 3.64 -8.87
N LYS B 99 -7.50 2.56 -8.52
CA LYS B 99 -7.31 1.94 -7.20
C LYS B 99 -5.99 1.15 -7.21
N ALA B 100 -5.42 0.91 -6.02
CA ALA B 100 -4.29 0.00 -5.89
C ALA B 100 -3.05 0.36 -6.75
N THR B 101 -2.65 1.65 -6.71
CA THR B 101 -1.42 2.01 -7.40
C THR B 101 -0.24 1.98 -6.43
N LEU B 102 0.95 1.85 -6.99
CA LEU B 102 2.17 1.90 -6.22
C LEU B 102 2.89 3.16 -6.68
N GLU B 103 3.12 4.09 -5.73
CA GLU B 103 3.80 5.32 -6.02
C GLU B 103 5.27 5.17 -5.58
N LEU B 104 6.21 5.33 -6.50
CA LEU B 104 7.62 5.26 -6.17
C LEU B 104 8.20 6.67 -6.18
N THR B 105 8.81 7.09 -5.06
CA THR B 105 9.36 8.44 -4.99
C THR B 105 10.87 8.39 -5.16
N HIS B 106 11.38 9.13 -6.16
CA HIS B 106 12.81 9.22 -6.39
C HIS B 106 13.28 10.60 -5.94
N ASN B 107 13.99 10.67 -4.80
CA ASN B 107 14.60 11.94 -4.35
C ASN B 107 15.91 12.02 -5.13
N TRP B 108 16.00 13.04 -6.00
CA TRP B 108 17.12 13.17 -6.92
C TRP B 108 18.47 13.10 -6.24
N GLY B 109 19.37 12.32 -6.81
CA GLY B 109 20.72 12.16 -6.31
C GLY B 109 20.99 10.93 -5.45
N THR B 110 19.91 10.24 -4.93
CA THR B 110 20.19 9.10 -4.07
C THR B 110 20.97 7.99 -4.78
N GLU B 111 20.76 7.82 -6.09
CA GLU B 111 21.39 6.78 -6.87
C GLU B 111 22.92 6.95 -6.93
N ASP B 112 23.41 8.18 -6.70
CA ASP B 112 24.85 8.48 -6.73
C ASP B 112 25.51 8.54 -5.35
N ASP B 113 24.72 8.37 -4.28
CA ASP B 113 25.19 8.41 -2.90
C ASP B 113 25.42 6.99 -2.35
N GLU B 114 26.70 6.52 -2.41
CA GLU B 114 27.11 5.18 -1.99
C GLU B 114 26.73 4.80 -0.56
N THR B 115 26.62 5.79 0.34
CA THR B 115 26.28 5.58 1.76
C THR B 115 24.77 5.61 2.04
N GLN B 116 23.94 5.95 1.03
CA GLN B 116 22.48 6.04 1.20
C GLN B 116 21.80 4.73 0.86
N SER B 117 20.73 4.44 1.62
CA SER B 117 19.84 3.31 1.37
C SER B 117 18.57 3.51 2.15
N TYR B 118 17.47 3.00 1.62
CA TYR B 118 16.20 3.06 2.33
C TYR B 118 16.04 1.84 3.26
N HIS B 119 15.12 1.94 4.21
CA HIS B 119 14.86 0.90 5.20
C HIS B 119 13.51 0.26 4.91
N ASN B 120 13.46 -1.06 4.93
CA ASN B 120 12.25 -1.77 4.52
C ASN B 120 11.17 -2.00 5.59
N GLY B 121 11.43 -1.52 6.81
CA GLY B 121 10.50 -1.65 7.92
C GLY B 121 10.45 -3.00 8.61
N ASN B 122 11.31 -3.95 8.17
CA ASN B 122 11.31 -5.33 8.69
C ASN B 122 12.40 -5.64 9.72
N SER B 123 13.16 -4.62 10.07
CA SER B 123 14.19 -4.73 11.13
C SER B 123 14.03 -3.45 11.96
N ASP B 124 14.54 -3.45 13.19
CA ASP B 124 14.39 -2.29 14.06
C ASP B 124 14.88 -0.98 13.38
N PRO B 125 14.07 0.09 13.32
CA PRO B 125 12.70 0.24 13.87
C PRO B 125 11.68 -0.24 12.85
N ARG B 126 10.78 -1.11 13.27
CA ARG B 126 9.74 -1.66 12.37
C ARG B 126 8.54 -0.75 12.20
N GLY B 127 7.78 -0.96 11.12
CA GLY B 127 6.54 -0.23 10.88
C GLY B 127 5.79 -0.88 9.75
N PHE B 128 5.94 -0.27 8.55
CA PHE B 128 5.46 -0.85 7.31
C PHE B 128 6.14 -2.23 7.18
N GLY B 129 5.41 -3.20 6.65
CA GLY B 129 5.97 -4.53 6.48
C GLY B 129 6.15 -4.94 5.03
N HIS B 130 5.10 -4.79 4.21
CA HIS B 130 5.17 -5.27 2.83
C HIS B 130 3.99 -4.83 2.01
N ILE B 131 4.12 -4.99 0.68
CA ILE B 131 2.98 -4.95 -0.21
C ILE B 131 2.77 -6.43 -0.57
N GLY B 132 1.58 -6.78 -1.05
CA GLY B 132 1.32 -8.16 -1.43
C GLY B 132 0.61 -8.22 -2.77
N ILE B 133 1.03 -9.17 -3.62
CA ILE B 133 0.44 -9.38 -4.93
C ILE B 133 -0.30 -10.70 -4.90
N ALA B 134 -1.58 -10.68 -5.29
CA ALA B 134 -2.36 -11.91 -5.40
C ALA B 134 -2.15 -12.44 -6.81
N VAL B 135 -1.84 -13.72 -6.89
CA VAL B 135 -1.50 -14.39 -8.14
C VAL B 135 -2.37 -15.65 -8.28
N PRO B 136 -2.56 -16.14 -9.52
CA PRO B 136 -3.36 -17.39 -9.68
C PRO B 136 -2.65 -18.62 -9.13
N ASP B 137 -1.31 -18.61 -9.11
CA ASP B 137 -0.56 -19.76 -8.64
C ASP B 137 0.80 -19.28 -8.13
N VAL B 138 1.02 -19.42 -6.82
CA VAL B 138 2.30 -19.01 -6.20
C VAL B 138 3.51 -19.77 -6.76
N TYR B 139 3.35 -21.08 -7.02
CA TYR B 139 4.48 -21.89 -7.48
C TYR B 139 5.00 -21.51 -8.86
N SER B 140 4.09 -21.32 -9.86
CA SER B 140 4.51 -20.93 -11.20
C SER B 140 5.03 -19.51 -11.15
N ALA B 141 4.40 -18.63 -10.36
CA ALA B 141 4.91 -17.25 -10.30
C ALA B 141 6.36 -17.25 -9.79
N CYS B 142 6.62 -18.02 -8.73
CA CYS B 142 7.94 -18.07 -8.10
C CYS B 142 8.99 -18.80 -8.90
N LYS B 143 8.57 -19.79 -9.70
CA LYS B 143 9.48 -20.48 -10.61
C LYS B 143 10.05 -19.45 -11.58
N ARG B 144 9.18 -18.58 -12.16
CA ARG B 144 9.62 -17.54 -13.08
C ARG B 144 10.51 -16.52 -12.33
N PHE B 145 10.11 -16.11 -11.11
CA PHE B 145 10.96 -15.16 -10.34
C PHE B 145 12.36 -15.74 -10.12
N GLU B 146 12.45 -17.04 -9.84
CA GLU B 146 13.76 -17.71 -9.66
C GLU B 146 14.58 -17.66 -10.94
N GLU B 147 13.92 -17.93 -12.06
CA GLU B 147 14.57 -17.90 -13.39
C GLU B 147 15.10 -16.50 -13.70
N LEU B 148 14.43 -15.47 -13.15
CA LEU B 148 14.80 -14.09 -13.37
C LEU B 148 15.79 -13.56 -12.32
N GLY B 149 16.20 -14.41 -11.39
CA GLY B 149 17.19 -14.06 -10.38
C GLY B 149 16.70 -13.19 -9.26
N VAL B 150 15.37 -13.21 -9.00
CA VAL B 150 14.76 -12.44 -7.91
C VAL B 150 15.25 -12.96 -6.57
N LYS B 151 15.47 -12.02 -5.62
CA LYS B 151 15.89 -12.38 -4.28
C LYS B 151 14.66 -12.79 -3.46
N PHE B 152 14.75 -13.92 -2.76
CA PHE B 152 13.67 -14.40 -1.92
C PHE B 152 13.95 -14.27 -0.44
N VAL B 153 12.94 -13.79 0.31
CA VAL B 153 12.93 -13.76 1.77
C VAL B 153 12.40 -15.14 2.24
N LYS B 154 11.35 -15.63 1.55
CA LYS B 154 10.72 -16.92 1.86
C LYS B 154 10.27 -17.54 0.56
N LYS B 155 10.79 -18.74 0.24
CA LYS B 155 10.30 -19.48 -0.92
C LYS B 155 8.93 -20.12 -0.56
N PRO B 156 8.09 -20.47 -1.57
CA PRO B 156 6.72 -20.94 -1.26
C PRO B 156 6.58 -22.00 -0.19
N ASP B 157 7.43 -23.04 -0.22
CA ASP B 157 7.34 -24.11 0.76
C ASP B 157 8.37 -24.06 1.90
N ASP B 158 9.05 -22.91 2.09
CA ASP B 158 9.97 -22.75 3.20
C ASP B 158 9.18 -22.44 4.47
N GLY B 159 9.58 -23.03 5.57
CA GLY B 159 8.94 -22.77 6.85
C GLY B 159 7.58 -23.40 6.99
N LYS B 160 6.85 -22.93 7.99
CA LYS B 160 5.55 -23.47 8.36
C LYS B 160 4.47 -23.34 7.29
N MET B 161 4.27 -22.10 6.78
CA MET B 161 3.17 -21.84 5.88
C MET B 161 3.48 -22.13 4.41
N LYS B 162 2.92 -23.22 3.90
CA LYS B 162 3.18 -23.63 2.54
C LYS B 162 2.35 -22.83 1.52
N GLY B 163 2.92 -22.65 0.34
CA GLY B 163 2.25 -21.99 -0.77
C GLY B 163 2.15 -20.49 -0.66
N LEU B 164 3.06 -19.88 0.10
CA LEU B 164 3.07 -18.43 0.33
C LEU B 164 4.51 -17.98 0.29
N ALA B 165 4.82 -16.94 -0.51
CA ALA B 165 6.23 -16.51 -0.62
C ALA B 165 6.40 -15.04 -0.32
N PHE B 166 7.66 -14.65 -0.07
CA PHE B 166 8.03 -13.24 0.06
C PHE B 166 9.27 -13.04 -0.76
N ILE B 167 9.22 -12.06 -1.68
CA ILE B 167 10.38 -11.69 -2.48
C ILE B 167 10.77 -10.25 -2.07
N GLN B 168 11.86 -9.76 -2.66
CA GLN B 168 12.32 -8.40 -2.39
CA GLN B 168 12.21 -8.38 -2.38
C GLN B 168 12.52 -7.61 -3.65
N ASP B 169 12.25 -6.30 -3.60
CA ASP B 169 12.49 -5.45 -4.75
C ASP B 169 13.96 -4.92 -4.68
N PRO B 170 14.38 -4.06 -5.64
CA PRO B 170 15.78 -3.58 -5.64
C PRO B 170 16.19 -2.79 -4.38
N ASP B 171 15.22 -2.15 -3.68
CA ASP B 171 15.52 -1.44 -2.42
C ASP B 171 15.43 -2.36 -1.19
N GLY B 172 15.02 -3.61 -1.38
CA GLY B 172 14.87 -4.55 -0.28
C GLY B 172 13.48 -4.59 0.34
N TYR B 173 12.50 -3.86 -0.24
CA TYR B 173 11.14 -3.90 0.29
C TYR B 173 10.59 -5.31 0.07
N TRP B 174 9.92 -5.84 1.08
CA TRP B 174 9.32 -7.16 0.98
C TRP B 174 8.00 -7.11 0.20
N ILE B 175 7.80 -8.14 -0.64
CA ILE B 175 6.58 -8.28 -1.45
C ILE B 175 6.06 -9.71 -1.25
N GLU B 176 4.89 -9.80 -0.67
CA GLU B 176 4.22 -11.08 -0.43
C GLU B 176 3.64 -11.56 -1.75
N ILE B 177 3.73 -12.87 -2.00
CA ILE B 177 3.17 -13.47 -3.21
C ILE B 177 2.17 -14.51 -2.68
N LEU B 178 0.87 -14.26 -2.87
CA LEU B 178 -0.16 -15.14 -2.28
C LEU B 178 -1.18 -15.56 -3.30
N ASN B 179 -1.82 -16.71 -3.05
CA ASN B 179 -2.91 -17.18 -3.91
C ASN B 179 -4.15 -17.21 -3.01
N PRO B 180 -5.08 -16.26 -3.19
CA PRO B 180 -6.26 -16.19 -2.29
C PRO B 180 -7.09 -17.49 -2.22
N ASN B 181 -7.03 -18.32 -3.28
CA ASN B 181 -7.77 -19.60 -3.33
C ASN B 181 -7.06 -20.74 -2.62
N LYS B 182 -5.78 -20.56 -2.25
CA LYS B 182 -4.98 -21.62 -1.63
C LYS B 182 -4.20 -21.08 -0.45
N MET B 183 -4.93 -20.50 0.52
CA MET B 183 -4.34 -19.98 1.75
C MET B 183 -4.31 -21.12 2.76
N ALA B 184 -3.42 -21.03 3.76
CA ALA B 184 -3.29 -22.03 4.81
C ALA B 184 -4.52 -22.02 5.73
N THR B 185 -4.88 -23.18 6.31
CA THR B 185 -6.02 -23.31 7.23
C THR B 185 -5.71 -22.56 8.54
N LEU B 186 -6.68 -21.74 9.03
CA LEU B 186 -6.54 -20.98 10.27
C LEU B 186 -6.92 -21.86 11.48
N MET B 187 -6.15 -21.74 12.59
CA MET B 187 -6.35 -22.51 13.83
C MET B 187 -7.71 -22.24 14.48
ZN ZN C . 0.32 -9.67 4.17
N1 EPE D . 8.14 -6.82 -27.41
C2 EPE D . 8.28 -8.14 -28.04
C3 EPE D . 7.14 -8.37 -29.04
N4 EPE D . 7.13 -7.32 -30.07
C5 EPE D . 7.01 -6.00 -29.44
C6 EPE D . 8.16 -5.78 -28.46
C7 EPE D . 6.04 -7.54 -31.04
C8 EPE D . 6.53 -7.62 -32.47
O8 EPE D . 5.53 -8.15 -33.31
C9 EPE D . 9.19 -6.60 -26.40
C10 EPE D . 9.15 -5.19 -25.83
S EPE D . 9.58 -4.99 -24.17
O1S EPE D . 8.89 -3.80 -23.72
O2S EPE D . 11.04 -4.82 -24.16
O3S EPE D . 9.17 -6.19 -23.47
C4 HPJ E . 5.37 15.43 1.94
C14 HPJ E . 2.93 14.98 -3.15
C5 HPJ E . 5.89 16.44 0.86
C11 HPJ E . 4.29 16.07 -1.02
C7 HPJ E . 4.09 17.96 0.01
C8 HPJ E . 3.16 17.94 -0.93
C9 HPJ E . 3.26 16.79 -1.61
C10 HPJ E . 2.52 16.22 -2.65
C13 HPJ E . 3.98 14.29 -2.50
C3 HPJ E . 4.41 16.05 2.97
C1 HPJ E . 4.18 17.81 4.54
O2 HPJ E . 5.10 16.99 3.79
N6 HPJ E . 4.78 16.83 -0.05
N12 HPJ E . 4.62 14.83 -1.47
C15 HPJ E . 2.22 14.32 -4.15
C16 HPJ E . 1.83 14.92 -5.36
N17 HPJ E . 1.82 13.00 -3.92
O18 HPJ E . 2.17 12.28 -2.75
C20 HPJ E . 1.06 12.29 -4.86
O21 HPJ E . 0.76 11.10 -4.57
C22 HPJ E . 0.70 12.90 -6.07
C23 HPJ E . 1.11 14.21 -6.35
C24 HPJ E . 0.75 14.84 -7.57
C25 HPJ E . 0.49 16.22 -7.62
C26 HPJ E . 0.09 16.81 -8.83
C27 HPJ E . -0.07 16.04 -9.99
C28 HPJ E . 0.20 14.67 -9.96
C29 HPJ E . 0.61 14.09 -8.76
ZN ZN F . 1.45 10.10 -2.71
C4 HPJ G . 6.58 -12.64 8.45
C14 HPJ G . 1.39 -14.00 6.74
C5 HPJ G . 5.98 -13.85 9.18
C11 HPJ G . 3.87 -14.27 7.90
C7 HPJ G . 5.30 -15.91 7.91
C8 HPJ G . 4.27 -16.30 7.16
C9 HPJ G . 3.37 -15.31 7.13
C10 HPJ G . 2.10 -15.18 6.53
C13 HPJ G . 2.00 -12.97 7.48
C3 HPJ G . 7.17 -12.99 7.07
C1 HPJ G . 8.96 -14.06 5.97
O2 HPJ G . 8.43 -13.67 7.25
N6 HPJ G . 5.07 -14.65 8.33
N12 HPJ G . 3.19 -13.11 8.05
C15 HPJ G . 0.14 -13.75 6.13
C16 HPJ G . -0.93 -14.65 6.22
N17 HPJ G . -0.03 -12.53 5.41
O18 HPJ G . 0.98 -11.57 5.32
C20 HPJ G . -1.22 -12.28 4.78
O21 HPJ G . -1.30 -11.21 4.14
C22 HPJ G . -2.31 -13.17 4.90
C23 HPJ G . -2.17 -14.39 5.61
C24 HPJ G . -3.22 -15.32 5.72
C25 HPJ G . -2.98 -16.70 5.83
C26 HPJ G . -4.04 -17.63 5.93
C27 HPJ G . -5.35 -17.16 5.92
C28 HPJ G . -5.62 -15.79 5.82
C29 HPJ G . -4.56 -14.88 5.76
#